data_1IAY
#
_entry.id   1IAY
#
_cell.length_a   123.1
_cell.length_b   123.1
_cell.length_c   106.8
_cell.angle_alpha   90
_cell.angle_beta   90
_cell.angle_gamma   120
#
_symmetry.space_group_name_H-M   'P 62 2 2'
#
loop_
_entity.id
_entity.type
_entity.pdbx_description
1 polymer '1-AMINOCYCLOPROPANE-1-CARBOXYLATE SYNTHASE 2'
2 non-polymer "PYRIDOXAL-5'-PHOSPHATE"
3 non-polymer '2-AMINO-4-(2-AMINO-ETHOXY)-BUTYRIC ACID'
4 water water
#
_entity_poly.entity_id   1
_entity_poly.type   'polypeptide(L)'
_entity_poly.pdbx_seq_one_letter_code
;ILSKLATNEEHGENSPYFDGWKAYDSDPFHPLKNPNGVIQMGLAENQLCLDLIEDWIKRNPKGSICSEGIKSFKAIANFQ
DYHGLPEFRKAIAKFMEKTRGGRVRFDPERVVMAGGATGANETIIFCLADPGDAFLVPSPYYPAFNRDLRWRTGVQLIPI
HCESSNNFKITSKAVKEAYENAQKSNIKVKGLILTNPSNPLGTTLDKDTLKSVLSFTNQHNIHLVCDEIYAATVFDTPQF
VSIAEILDEQEMTYCNKDLVHIVYSLSKDMGLPGFRVGIIYSFNDDVVNCARKMSSFGLVSTQTQYFLAAMLSDEKFVDN
FLRESAMRLGKRHKHFTNGLEVVGIKCLKNNAGLFCWMDLRPLLRESTFDSEMSLWRVIINDVKLNVSPGSSFECQEPGW
FRVCFANMDDGTVDIALARIRRFVGVEK
;
_entity_poly.pdbx_strand_id   A
#
# COMPACT_ATOMS: atom_id res chain seq x y z
N ILE A 1 -14.64 -10.18 -32.62
CA ILE A 1 -13.30 -9.59 -32.90
C ILE A 1 -12.94 -8.49 -31.89
N LEU A 2 -12.63 -8.93 -30.67
CA LEU A 2 -12.27 -8.02 -29.59
C LEU A 2 -10.88 -7.43 -29.80
N SER A 3 -10.44 -6.63 -28.84
CA SER A 3 -9.12 -5.99 -28.87
C SER A 3 -8.10 -6.94 -28.25
N LYS A 4 -6.82 -6.60 -28.36
CA LYS A 4 -5.79 -7.44 -27.79
C LYS A 4 -6.02 -7.61 -26.30
N LEU A 5 -6.25 -6.49 -25.63
CA LEU A 5 -6.49 -6.52 -24.18
C LEU A 5 -7.61 -7.50 -23.80
N ALA A 6 -8.75 -7.40 -24.47
CA ALA A 6 -9.87 -8.29 -24.15
C ALA A 6 -9.61 -9.74 -24.50
N THR A 7 -9.20 -9.99 -25.74
CA THR A 7 -8.93 -11.34 -26.22
C THR A 7 -7.73 -12.06 -25.55
N ASN A 8 -7.15 -11.46 -24.51
CA ASN A 8 -6.01 -12.10 -23.84
C ASN A 8 -6.17 -12.34 -22.34
N GLU A 9 -7.38 -12.14 -21.83
CA GLU A 9 -7.63 -12.35 -20.41
C GLU A 9 -8.76 -13.36 -20.19
N SER A 15 -5.51 -18.54 -12.65
CA SER A 15 -5.92 -18.29 -11.24
C SER A 15 -5.36 -19.34 -10.28
N PRO A 16 -4.04 -19.32 -10.02
CA PRO A 16 -3.36 -20.26 -9.13
C PRO A 16 -3.05 -19.67 -7.76
N TYR A 17 -2.88 -18.36 -7.72
CA TYR A 17 -2.57 -17.66 -6.48
C TYR A 17 -3.84 -17.26 -5.76
N PHE A 18 -4.98 -17.68 -6.31
CA PHE A 18 -6.26 -17.36 -5.72
C PHE A 18 -6.82 -18.53 -4.94
N ASP A 19 -5.99 -19.55 -4.73
CA ASP A 19 -6.42 -20.74 -3.99
C ASP A 19 -6.77 -20.37 -2.55
N GLY A 20 -5.97 -19.49 -1.97
CA GLY A 20 -6.21 -19.08 -0.60
C GLY A 20 -7.51 -18.32 -0.49
N TRP A 21 -7.67 -17.32 -1.34
CA TRP A 21 -8.87 -16.50 -1.36
C TRP A 21 -10.14 -17.33 -1.56
N LYS A 22 -10.05 -18.36 -2.42
CA LYS A 22 -11.19 -19.21 -2.70
C LYS A 22 -11.50 -20.13 -1.53
N ALA A 23 -10.45 -20.68 -0.91
CA ALA A 23 -10.63 -21.57 0.23
C ALA A 23 -11.44 -20.88 1.32
N TYR A 24 -11.21 -19.58 1.50
CA TYR A 24 -11.93 -18.82 2.51
C TYR A 24 -13.38 -18.58 2.11
N ASP A 25 -13.60 -18.00 0.93
CA ASP A 25 -14.97 -17.74 0.46
C ASP A 25 -15.83 -18.99 0.60
N SER A 26 -15.20 -20.13 0.34
CA SER A 26 -15.85 -21.43 0.43
C SER A 26 -16.22 -21.84 1.86
N ASP A 27 -15.25 -21.76 2.76
CA ASP A 27 -15.43 -22.14 4.15
C ASP A 27 -15.06 -20.96 5.06
N PRO A 28 -15.82 -19.85 4.99
CA PRO A 28 -15.56 -18.64 5.79
C PRO A 28 -15.80 -18.78 7.29
N PHE A 29 -14.75 -18.51 8.05
CA PHE A 29 -14.82 -18.58 9.49
C PHE A 29 -15.82 -17.62 10.10
N HIS A 30 -16.53 -18.13 11.10
CA HIS A 30 -17.49 -17.38 11.87
C HIS A 30 -17.55 -18.06 13.23
N PRO A 31 -17.45 -17.27 14.31
CA PRO A 31 -17.48 -17.79 15.70
C PRO A 31 -18.56 -18.85 15.97
N LEU A 32 -19.81 -18.56 15.59
CA LEU A 32 -20.90 -19.50 15.82
C LEU A 32 -21.22 -20.36 14.58
N LYS A 33 -21.55 -19.70 13.47
CA LYS A 33 -21.89 -20.36 12.22
C LYS A 33 -20.84 -21.32 11.64
N ASN A 34 -19.60 -20.86 11.48
CA ASN A 34 -18.53 -21.68 10.92
C ASN A 34 -17.25 -21.55 11.74
N PRO A 35 -17.30 -21.95 13.03
CA PRO A 35 -16.16 -21.86 13.93
C PRO A 35 -14.84 -22.49 13.47
N ASN A 36 -14.90 -23.53 12.63
CA ASN A 36 -13.68 -24.17 12.14
C ASN A 36 -13.41 -23.65 10.75
N GLY A 37 -13.96 -22.47 10.46
CA GLY A 37 -13.80 -21.87 9.15
C GLY A 37 -12.45 -21.21 8.96
N VAL A 38 -12.19 -20.81 7.71
CA VAL A 38 -10.95 -20.15 7.35
C VAL A 38 -10.98 -18.70 7.81
N ILE A 39 -9.92 -18.31 8.51
CA ILE A 39 -9.77 -16.95 9.03
C ILE A 39 -9.06 -16.09 7.99
N GLN A 40 -9.70 -15.00 7.61
CA GLN A 40 -9.14 -14.10 6.62
C GLN A 40 -7.94 -13.29 7.12
N MET A 41 -6.75 -13.64 6.63
CA MET A 41 -5.52 -12.94 6.98
C MET A 41 -4.72 -12.62 5.70
N GLY A 42 -5.43 -12.53 4.59
CA GLY A 42 -4.78 -12.23 3.32
C GLY A 42 -5.09 -10.83 2.81
N LEU A 43 -6.21 -10.26 3.25
CA LEU A 43 -6.62 -8.92 2.81
C LEU A 43 -6.14 -7.83 3.76
N ALA A 44 -5.54 -6.79 3.18
CA ALA A 44 -5.01 -5.68 3.95
C ALA A 44 -6.04 -4.59 4.21
N GLU A 45 -7.00 -4.87 5.10
CA GLU A 45 -8.04 -3.90 5.46
C GLU A 45 -7.75 -3.29 6.83
N ASN A 46 -8.24 -2.07 7.05
CA ASN A 46 -8.01 -1.39 8.32
C ASN A 46 -9.36 -1.17 9.00
N GLN A 47 -9.62 -1.91 10.07
CA GLN A 47 -10.90 -1.79 10.75
C GLN A 47 -10.78 -1.48 12.24
N LEU A 48 -9.55 -1.41 12.75
CA LEU A 48 -9.32 -1.13 14.16
C LEU A 48 -9.63 0.32 14.50
N CYS A 49 -10.23 1.02 13.55
CA CYS A 49 -10.52 2.44 13.72
C CYS A 49 -11.94 2.85 13.33
N LEU A 50 -12.59 2.03 12.50
CA LEU A 50 -13.93 2.36 12.04
C LEU A 50 -14.86 2.89 13.12
N ASP A 51 -14.70 2.41 14.34
CA ASP A 51 -15.54 2.86 15.45
C ASP A 51 -15.30 4.35 15.67
N LEU A 52 -14.11 4.80 15.31
CA LEU A 52 -13.72 6.19 15.43
C LEU A 52 -14.45 6.99 14.34
N ILE A 53 -14.60 6.40 13.16
CA ILE A 53 -15.30 7.07 12.07
C ILE A 53 -16.80 6.94 12.23
N GLU A 54 -17.27 5.78 12.68
CA GLU A 54 -18.70 5.57 12.91
C GLU A 54 -19.15 6.63 13.90
N ASP A 55 -18.45 6.68 15.04
CA ASP A 55 -18.75 7.66 16.07
C ASP A 55 -18.91 9.06 15.50
N TRP A 56 -17.84 9.58 14.90
CA TRP A 56 -17.86 10.92 14.31
C TRP A 56 -19.14 11.19 13.52
N ILE A 57 -19.53 10.24 12.68
CA ILE A 57 -20.72 10.38 11.84
C ILE A 57 -22.02 10.62 12.60
N LYS A 58 -22.20 9.94 13.73
CA LYS A 58 -23.40 10.08 14.54
C LYS A 58 -23.53 11.47 15.14
N ARG A 59 -22.50 11.88 15.87
CA ARG A 59 -22.50 13.19 16.51
C ARG A 59 -22.42 14.36 15.53
N ASN A 60 -22.24 14.06 14.25
CA ASN A 60 -22.14 15.08 13.22
C ASN A 60 -23.06 14.72 12.05
N PRO A 61 -24.38 14.97 12.21
CA PRO A 61 -25.36 14.67 11.17
C PRO A 61 -25.44 15.72 10.08
N LYS A 62 -24.31 16.35 9.76
CA LYS A 62 -24.28 17.37 8.73
C LYS A 62 -23.14 17.22 7.73
N GLY A 63 -22.49 16.06 7.74
CA GLY A 63 -21.40 15.83 6.81
C GLY A 63 -21.84 15.04 5.59
N SER A 64 -23.11 15.13 5.21
CA SER A 64 -23.62 14.41 4.04
C SER A 64 -24.99 14.86 3.52
N ILE A 65 -25.29 14.51 2.27
CA ILE A 65 -26.56 14.84 1.59
C ILE A 65 -27.18 16.17 2.02
N CYS A 66 -26.53 17.27 1.63
CA CYS A 66 -26.93 18.65 1.95
C CYS A 66 -27.13 18.85 3.45
N SER A 67 -26.37 18.10 4.22
CA SER A 67 -26.38 18.14 5.69
C SER A 67 -27.78 18.25 6.32
N SER A 72 -27.39 21.94 0.56
CA SER A 72 -26.50 22.09 -0.63
C SER A 72 -26.38 20.80 -1.44
N PHE A 73 -27.47 20.05 -1.50
CA PHE A 73 -27.48 18.79 -2.25
C PHE A 73 -27.37 19.09 -3.73
N LYS A 74 -28.17 20.04 -4.20
CA LYS A 74 -28.14 20.38 -5.62
C LYS A 74 -26.72 20.66 -6.07
N ALA A 75 -26.02 21.52 -5.34
CA ALA A 75 -24.66 21.91 -5.66
C ALA A 75 -23.69 20.75 -5.82
N ILE A 76 -23.57 19.90 -4.79
CA ILE A 76 -22.66 18.76 -4.85
C ILE A 76 -23.07 17.73 -5.91
N ALA A 77 -24.37 17.59 -6.12
CA ALA A 77 -24.89 16.65 -7.11
C ALA A 77 -24.60 17.10 -8.53
N ASN A 78 -24.76 18.40 -8.76
CA ASN A 78 -24.54 18.97 -10.08
C ASN A 78 -23.08 19.32 -10.35
N PHE A 79 -22.28 19.40 -9.29
CA PHE A 79 -20.86 19.74 -9.41
C PHE A 79 -20.08 18.71 -10.21
N GLN A 80 -19.44 19.14 -11.29
CA GLN A 80 -18.68 18.20 -12.10
C GLN A 80 -17.30 18.66 -12.57
N ASP A 81 -16.75 19.71 -11.97
CA ASP A 81 -15.43 20.20 -12.35
C ASP A 81 -14.37 19.19 -11.86
N TYR A 82 -13.34 18.93 -12.65
CA TYR A 82 -12.35 17.95 -12.19
C TYR A 82 -11.25 18.35 -11.22
N HIS A 83 -11.33 19.55 -10.65
CA HIS A 83 -10.35 19.97 -9.63
C HIS A 83 -11.02 19.52 -8.33
N GLY A 84 -12.28 19.12 -8.45
CA GLY A 84 -13.08 18.68 -7.31
C GLY A 84 -13.49 19.84 -6.43
N LEU A 85 -14.23 19.55 -5.36
CA LEU A 85 -14.64 20.59 -4.42
C LEU A 85 -13.41 21.25 -3.78
N PRO A 86 -13.34 22.60 -3.84
CA PRO A 86 -12.21 23.34 -3.27
C PRO A 86 -11.84 22.89 -1.84
N GLU A 87 -12.85 22.75 -0.98
CA GLU A 87 -12.66 22.34 0.41
C GLU A 87 -12.25 20.87 0.57
N PHE A 88 -12.55 20.06 -0.45
CA PHE A 88 -12.18 18.64 -0.45
C PHE A 88 -10.67 18.58 -0.61
N ARG A 89 -10.15 19.36 -1.56
CA ARG A 89 -8.71 19.41 -1.82
C ARG A 89 -7.95 19.84 -0.58
N LYS A 90 -8.42 20.93 0.02
CA LYS A 90 -7.78 21.50 1.19
C LYS A 90 -7.68 20.52 2.36
N ALA A 91 -8.78 19.82 2.65
CA ALA A 91 -8.83 18.85 3.74
C ALA A 91 -7.94 17.64 3.45
N ILE A 92 -7.76 17.32 2.17
CA ILE A 92 -6.90 16.21 1.78
C ILE A 92 -5.44 16.67 1.91
N ALA A 93 -5.16 17.93 1.56
CA ALA A 93 -3.81 18.46 1.64
C ALA A 93 -3.32 18.56 3.09
N LYS A 94 -4.23 18.95 3.99
CA LYS A 94 -3.86 19.07 5.39
C LYS A 94 -3.79 17.70 6.03
N PHE A 95 -4.69 16.80 5.66
CA PHE A 95 -4.64 15.47 6.25
C PHE A 95 -3.28 14.89 5.93
N MET A 96 -2.75 15.25 4.77
CA MET A 96 -1.45 14.77 4.34
C MET A 96 -0.30 15.42 5.10
N GLU A 97 -0.34 16.75 5.23
CA GLU A 97 0.69 17.45 5.98
C GLU A 97 0.73 16.79 7.36
N LYS A 98 -0.46 16.65 7.95
CA LYS A 98 -0.63 16.05 9.28
C LYS A 98 0.00 14.67 9.45
N THR A 99 -0.17 13.82 8.45
CA THR A 99 0.36 12.48 8.51
C THR A 99 1.89 12.48 8.53
N ARG A 100 2.48 13.53 7.97
CA ARG A 100 3.93 13.63 7.94
C ARG A 100 4.36 14.61 9.03
N GLY A 101 3.62 14.58 10.15
CA GLY A 101 3.90 15.46 11.28
C GLY A 101 3.97 16.93 10.95
N GLY A 102 3.13 17.39 10.02
CA GLY A 102 3.13 18.79 9.65
C GLY A 102 4.56 19.28 9.43
N ARG A 103 5.43 18.36 9.04
CA ARG A 103 6.83 18.70 8.79
C ARG A 103 7.03 19.21 7.35
N VAL A 104 5.94 19.22 6.59
CA VAL A 104 5.98 19.69 5.21
C VAL A 104 4.62 20.29 4.86
N ARG A 105 4.58 21.08 3.79
CA ARG A 105 3.35 21.69 3.36
C ARG A 105 2.87 21.17 2.01
N PHE A 106 1.57 20.94 1.90
CA PHE A 106 0.96 20.48 0.67
C PHE A 106 -0.02 21.55 0.16
N ASP A 107 0.23 22.05 -1.05
CA ASP A 107 -0.63 23.05 -1.65
C ASP A 107 -1.78 22.30 -2.31
N PRO A 108 -3.00 22.42 -1.76
CA PRO A 108 -4.18 21.75 -2.30
C PRO A 108 -4.52 22.10 -3.75
N GLU A 109 -3.80 23.06 -4.33
CA GLU A 109 -4.11 23.42 -5.70
C GLU A 109 -3.48 22.38 -6.62
N ARG A 110 -2.58 21.58 -6.06
CA ARG A 110 -1.91 20.53 -6.80
C ARG A 110 -2.61 19.17 -6.68
N VAL A 111 -3.43 18.99 -5.65
CA VAL A 111 -4.16 17.75 -5.41
C VAL A 111 -5.10 17.33 -6.55
N VAL A 112 -4.75 16.22 -7.21
CA VAL A 112 -5.52 15.66 -8.33
C VAL A 112 -6.16 14.33 -7.94
N MET A 113 -7.37 14.07 -8.43
CA MET A 113 -8.08 12.85 -8.09
C MET A 113 -7.81 11.67 -9.02
N ALA A 114 -8.22 10.48 -8.58
CA ALA A 114 -8.05 9.27 -9.36
C ALA A 114 -8.81 8.11 -8.72
N GLY A 115 -9.07 7.07 -9.51
CA GLY A 115 -9.81 5.92 -9.03
C GLY A 115 -9.08 5.17 -7.94
N GLY A 116 -9.01 5.76 -6.76
CA GLY A 116 -8.30 5.12 -5.66
C GLY A 116 -6.84 5.05 -6.09
N ALA A 117 -5.99 4.39 -5.30
CA ALA A 117 -4.58 4.28 -5.65
C ALA A 117 -4.40 3.46 -6.92
N THR A 118 -5.38 2.62 -7.24
CA THR A 118 -5.30 1.80 -8.44
C THR A 118 -5.28 2.68 -9.68
N GLY A 119 -6.16 3.67 -9.73
CA GLY A 119 -6.20 4.57 -10.86
C GLY A 119 -5.09 5.58 -10.79
N ALA A 120 -4.60 5.85 -9.58
CA ALA A 120 -3.52 6.81 -9.37
C ALA A 120 -2.26 6.25 -10.00
N ASN A 121 -1.90 5.03 -9.63
CA ASN A 121 -0.72 4.40 -10.16
C ASN A 121 -0.80 4.22 -11.68
N GLU A 122 -1.96 3.83 -12.21
CA GLU A 122 -2.07 3.65 -13.65
C GLU A 122 -1.99 4.98 -14.39
N THR A 123 -2.69 5.99 -13.88
CA THR A 123 -2.68 7.30 -14.51
C THR A 123 -1.28 7.92 -14.56
N ILE A 124 -0.55 7.85 -13.45
CA ILE A 124 0.79 8.42 -13.41
C ILE A 124 1.71 7.72 -14.43
N ILE A 125 1.59 6.41 -14.58
CA ILE A 125 2.42 5.71 -15.54
C ILE A 125 2.10 6.24 -16.95
N PHE A 126 0.82 6.48 -17.23
CA PHE A 126 0.41 7.02 -18.51
C PHE A 126 1.15 8.32 -18.76
N CYS A 127 1.32 9.11 -17.70
CA CYS A 127 2.00 10.41 -17.78
C CYS A 127 3.51 10.35 -17.87
N LEU A 128 4.12 9.24 -17.43
CA LEU A 128 5.57 9.15 -17.45
C LEU A 128 6.20 8.10 -18.38
N ALA A 129 5.39 7.28 -19.04
CA ALA A 129 5.97 6.28 -19.94
C ALA A 129 5.08 5.85 -21.12
N ASP A 130 5.72 5.66 -22.27
CA ASP A 130 5.02 5.23 -23.47
C ASP A 130 5.08 3.72 -23.53
N PRO A 131 4.18 3.12 -24.33
CA PRO A 131 4.12 1.67 -24.49
C PRO A 131 5.51 1.13 -24.81
N GLY A 132 6.01 0.23 -23.98
CA GLY A 132 7.32 -0.32 -24.23
C GLY A 132 8.36 0.21 -23.29
N ASP A 133 8.15 1.41 -22.75
CA ASP A 133 9.10 1.98 -21.81
C ASP A 133 9.13 1.07 -20.57
N ALA A 134 9.99 1.36 -19.60
CA ALA A 134 10.06 0.51 -18.41
C ALA A 134 10.12 1.27 -17.10
N PHE A 135 9.82 0.56 -16.02
CA PHE A 135 9.90 1.13 -14.68
C PHE A 135 10.61 0.12 -13.77
N LEU A 136 11.45 0.64 -12.89
CA LEU A 136 12.16 -0.23 -11.96
C LEU A 136 11.30 -0.34 -10.72
N VAL A 137 11.31 -1.50 -10.08
CA VAL A 137 10.53 -1.68 -8.88
C VAL A 137 11.12 -2.77 -8.00
N PRO A 138 11.45 -2.42 -6.74
CA PRO A 138 12.02 -3.38 -5.80
C PRO A 138 11.06 -4.52 -5.52
N SER A 139 11.59 -5.73 -5.38
CA SER A 139 10.74 -6.87 -5.06
C SER A 139 11.09 -7.33 -3.66
N PRO A 140 10.10 -7.83 -2.88
CA PRO A 140 8.69 -7.99 -3.24
C PRO A 140 7.89 -6.67 -3.33
N TYR A 141 6.82 -6.71 -4.10
CA TYR A 141 5.95 -5.55 -4.29
C TYR A 141 4.46 -5.91 -4.41
N TYR A 142 3.62 -4.90 -4.28
CA TYR A 142 2.17 -5.02 -4.35
C TYR A 142 1.82 -5.72 -5.67
N PRO A 143 1.43 -7.01 -5.60
CA PRO A 143 1.08 -7.75 -6.82
C PRO A 143 0.20 -7.08 -7.87
N ALA A 144 -0.79 -6.30 -7.45
CA ALA A 144 -1.67 -5.65 -8.43
C ALA A 144 -0.91 -4.72 -9.36
N PHE A 145 0.32 -4.37 -8.99
CA PHE A 145 1.14 -3.51 -9.84
C PHE A 145 1.21 -4.08 -11.24
N ASN A 146 1.40 -5.40 -11.35
CA ASN A 146 1.49 -6.08 -12.64
C ASN A 146 0.30 -5.76 -13.55
N ARG A 147 -0.80 -5.31 -12.97
CA ARG A 147 -1.99 -4.95 -13.73
C ARG A 147 -2.08 -3.43 -13.80
N ASP A 148 -2.10 -2.82 -12.63
CA ASP A 148 -2.21 -1.38 -12.51
C ASP A 148 -1.19 -0.61 -13.33
N LEU A 149 0.05 -1.09 -13.37
CA LEU A 149 1.12 -0.38 -14.09
C LEU A 149 1.44 -0.79 -15.54
N ARG A 150 0.93 -1.94 -15.97
CA ARG A 150 1.23 -2.43 -17.32
C ARG A 150 0.05 -2.65 -18.25
N TRP A 151 -0.93 -3.42 -17.79
CA TRP A 151 -2.08 -3.77 -18.59
C TRP A 151 -2.50 -2.82 -19.69
N ARG A 152 -2.95 -1.61 -19.34
CA ARG A 152 -3.39 -0.66 -20.36
C ARG A 152 -2.36 0.40 -20.69
N THR A 153 -1.20 0.35 -20.06
CA THR A 153 -0.17 1.34 -20.31
C THR A 153 0.90 0.86 -21.28
N GLY A 154 0.96 -0.46 -21.49
CA GLY A 154 1.96 -0.99 -22.38
C GLY A 154 3.35 -0.79 -21.83
N VAL A 155 3.44 -0.38 -20.56
CA VAL A 155 4.72 -0.16 -19.91
C VAL A 155 5.12 -1.40 -19.15
N GLN A 156 6.39 -1.79 -19.24
CA GLN A 156 6.85 -2.98 -18.55
C GLN A 156 7.60 -2.71 -17.26
N LEU A 157 7.58 -3.71 -16.36
CA LEU A 157 8.25 -3.61 -15.06
C LEU A 157 9.55 -4.43 -14.96
N ILE A 158 10.59 -3.80 -14.41
CA ILE A 158 11.88 -4.45 -14.20
C ILE A 158 12.15 -4.50 -12.69
N PRO A 159 12.30 -5.72 -12.14
CA PRO A 159 12.54 -5.92 -10.72
C PRO A 159 13.93 -5.61 -10.17
N ILE A 160 13.96 -4.95 -9.02
CA ILE A 160 15.19 -4.63 -8.32
C ILE A 160 15.16 -5.69 -7.22
N HIS A 161 16.08 -6.64 -7.29
CA HIS A 161 16.16 -7.73 -6.33
C HIS A 161 16.42 -7.37 -4.86
N CYS A 162 15.68 -8.02 -3.96
CA CYS A 162 15.83 -7.81 -2.51
C CYS A 162 15.78 -9.13 -1.72
N GLU A 163 16.73 -9.31 -0.79
CA GLU A 163 16.78 -10.55 -0.02
C GLU A 163 16.79 -10.32 1.49
N SER A 164 16.58 -11.39 2.23
CA SER A 164 16.51 -11.36 3.69
C SER A 164 17.77 -10.96 4.47
N SER A 165 18.95 -11.13 3.87
CA SER A 165 20.20 -10.78 4.55
C SER A 165 20.16 -9.40 5.19
N ASN A 166 20.19 -8.37 4.35
CA ASN A 166 20.14 -6.99 4.82
C ASN A 166 18.70 -6.57 5.09
N ASN A 167 17.89 -7.53 5.54
CA ASN A 167 16.49 -7.32 5.86
C ASN A 167 15.65 -6.70 4.75
N PHE A 168 15.93 -7.06 3.50
CA PHE A 168 15.17 -6.56 2.35
C PHE A 168 15.28 -5.06 2.03
N LYS A 169 16.45 -4.47 2.22
CA LYS A 169 16.65 -3.05 1.94
C LYS A 169 17.07 -2.81 0.49
N ILE A 170 16.88 -1.59 0.01
CA ILE A 170 17.28 -1.28 -1.35
C ILE A 170 18.71 -0.81 -1.32
N THR A 171 19.53 -1.35 -2.22
CA THR A 171 20.94 -1.01 -2.30
C THR A 171 21.29 -0.43 -3.65
N SER A 172 22.15 0.59 -3.66
CA SER A 172 22.58 1.22 -4.91
C SER A 172 23.10 0.16 -5.86
N LYS A 173 23.67 -0.89 -5.28
CA LYS A 173 24.18 -1.98 -6.10
C LYS A 173 23.05 -2.65 -6.86
N ALA A 174 22.03 -3.09 -6.14
CA ALA A 174 20.87 -3.77 -6.71
C ALA A 174 20.10 -2.90 -7.67
N VAL A 175 20.10 -1.59 -7.44
CA VAL A 175 19.37 -0.68 -8.34
C VAL A 175 20.10 -0.50 -9.66
N LYS A 176 21.38 -0.16 -9.59
CA LYS A 176 22.18 0.03 -10.81
C LYS A 176 22.30 -1.33 -11.49
N GLU A 177 22.18 -2.38 -10.71
CA GLU A 177 22.24 -3.73 -11.24
C GLU A 177 21.07 -3.90 -12.20
N ALA A 178 19.85 -3.75 -11.67
CA ALA A 178 18.64 -3.87 -12.46
C ALA A 178 18.64 -2.86 -13.60
N TYR A 179 19.00 -1.63 -13.26
CA TYR A 179 19.04 -0.56 -14.25
C TYR A 179 19.92 -0.85 -15.45
N GLU A 180 21.22 -0.99 -15.21
CA GLU A 180 22.14 -1.25 -16.31
C GLU A 180 21.79 -2.49 -17.09
N ASN A 181 21.39 -3.53 -16.37
CA ASN A 181 21.03 -4.79 -17.00
C ASN A 181 20.02 -4.54 -18.11
N ALA A 182 18.97 -3.79 -17.78
CA ALA A 182 17.91 -3.47 -18.73
C ALA A 182 18.43 -2.78 -19.98
N GLN A 183 19.39 -1.88 -19.79
CA GLN A 183 19.97 -1.12 -20.90
C GLN A 183 20.58 -2.02 -21.96
N LYS A 184 21.24 -3.08 -21.50
CA LYS A 184 21.86 -4.02 -22.41
C LYS A 184 20.80 -4.55 -23.36
N SER A 185 19.67 -4.94 -22.79
CA SER A 185 18.56 -5.46 -23.58
C SER A 185 17.91 -4.35 -24.38
N ASN A 186 18.53 -3.17 -24.39
CA ASN A 186 18.01 -2.01 -25.12
C ASN A 186 16.58 -1.65 -24.70
N ILE A 187 16.36 -1.52 -23.40
CA ILE A 187 15.06 -1.17 -22.83
C ILE A 187 15.12 0.23 -22.22
N LYS A 188 14.18 1.08 -22.60
CA LYS A 188 14.16 2.45 -22.10
C LYS A 188 13.47 2.57 -20.74
N VAL A 189 14.25 2.89 -19.70
CA VAL A 189 13.70 3.03 -18.35
C VAL A 189 13.30 4.49 -18.06
N LYS A 190 12.01 4.73 -17.85
CA LYS A 190 11.50 6.07 -17.58
C LYS A 190 11.43 6.45 -16.11
N GLY A 191 11.51 5.47 -15.22
CA GLY A 191 11.45 5.81 -13.81
C GLY A 191 11.54 4.65 -12.85
N LEU A 192 11.39 4.97 -11.57
CA LEU A 192 11.44 3.98 -10.51
C LEU A 192 10.27 4.27 -9.57
N ILE A 193 9.57 3.22 -9.15
CA ILE A 193 8.44 3.41 -8.24
C ILE A 193 8.63 2.67 -6.94
N LEU A 194 8.60 3.41 -5.83
CA LEU A 194 8.76 2.82 -4.51
C LEU A 194 7.41 2.76 -3.79
N THR A 195 7.37 2.01 -2.69
CA THR A 195 6.18 1.90 -1.85
C THR A 195 6.74 2.16 -0.46
N ASN A 196 6.34 3.26 0.16
CA ASN A 196 6.86 3.61 1.48
C ASN A 196 5.83 4.31 2.37
N PRO A 197 5.43 3.69 3.50
CA PRO A 197 5.86 2.40 4.04
C PRO A 197 5.76 1.28 2.99
N SER A 198 6.55 0.23 3.17
CA SER A 198 6.59 -0.89 2.24
C SER A 198 5.52 -1.98 2.36
N ASN A 199 5.09 -2.46 1.19
CA ASN A 199 4.11 -3.55 1.06
C ASN A 199 4.78 -4.62 0.18
N PRO A 200 4.84 -5.88 0.64
CA PRO A 200 4.38 -6.53 1.88
C PRO A 200 5.27 -6.49 3.12
N LEU A 201 6.40 -5.78 3.05
CA LEU A 201 7.32 -5.71 4.19
C LEU A 201 6.79 -4.98 5.42
N GLY A 202 5.91 -4.02 5.23
CA GLY A 202 5.37 -3.27 6.36
C GLY A 202 6.49 -2.53 7.06
N THR A 203 7.44 -2.03 6.28
CA THR A 203 8.58 -1.30 6.80
C THR A 203 8.70 0.11 6.19
N THR A 204 8.91 1.12 7.03
CA THR A 204 9.08 2.50 6.57
C THR A 204 10.53 2.67 6.16
N LEU A 205 10.75 3.06 4.91
CA LEU A 205 12.10 3.23 4.40
C LEU A 205 12.91 4.26 5.19
N ASP A 206 14.19 3.95 5.37
CA ASP A 206 15.13 4.81 6.08
C ASP A 206 15.38 6.12 5.32
N LYS A 207 15.65 7.19 6.05
CA LYS A 207 15.89 8.50 5.46
C LYS A 207 17.04 8.54 4.43
N ASP A 208 18.19 7.98 4.80
CA ASP A 208 19.34 7.95 3.91
C ASP A 208 19.07 7.07 2.70
N THR A 209 18.37 5.95 2.92
CA THR A 209 18.03 5.03 1.85
C THR A 209 17.22 5.76 0.79
N LEU A 210 16.23 6.53 1.25
CA LEU A 210 15.42 7.29 0.32
C LEU A 210 16.36 8.20 -0.48
N LYS A 211 17.18 8.96 0.23
CA LYS A 211 18.13 9.87 -0.40
C LYS A 211 18.94 9.22 -1.51
N SER A 212 19.50 8.05 -1.23
CA SER A 212 20.29 7.33 -2.22
C SER A 212 19.50 7.11 -3.48
N VAL A 213 18.28 6.60 -3.33
CA VAL A 213 17.41 6.33 -4.47
C VAL A 213 17.04 7.62 -5.21
N LEU A 214 16.60 8.65 -4.49
CA LEU A 214 16.27 9.90 -5.16
C LEU A 214 17.53 10.44 -5.84
N SER A 215 18.70 10.02 -5.36
CA SER A 215 19.94 10.45 -5.99
C SER A 215 20.12 9.72 -7.32
N PHE A 216 20.11 8.39 -7.28
CA PHE A 216 20.25 7.58 -8.48
C PHE A 216 19.24 8.03 -9.52
N THR A 217 18.00 8.18 -9.08
CA THR A 217 16.93 8.60 -9.96
C THR A 217 17.30 9.92 -10.64
N ASN A 218 17.62 10.91 -9.81
CA ASN A 218 17.95 12.24 -10.29
C ASN A 218 19.23 12.31 -11.13
N GLN A 219 20.17 11.40 -10.85
CA GLN A 219 21.43 11.38 -11.59
C GLN A 219 21.29 10.76 -12.96
N HIS A 220 20.11 10.23 -13.27
CA HIS A 220 19.87 9.63 -14.59
C HIS A 220 18.59 10.20 -15.18
N ASN A 221 18.17 11.35 -14.69
CA ASN A 221 16.94 11.99 -15.14
C ASN A 221 15.74 11.08 -15.40
N ILE A 222 15.45 10.20 -14.43
CA ILE A 222 14.29 9.32 -14.53
C ILE A 222 13.39 9.62 -13.34
N HIS A 223 12.11 9.31 -13.46
CA HIS A 223 11.17 9.61 -12.38
C HIS A 223 11.21 8.73 -11.16
N LEU A 224 10.75 9.29 -10.05
CA LEU A 224 10.65 8.57 -8.79
C LEU A 224 9.20 8.69 -8.30
N VAL A 225 8.40 7.69 -8.60
CA VAL A 225 7.02 7.66 -8.17
C VAL A 225 6.97 7.00 -6.80
N CYS A 226 6.37 7.68 -5.83
CA CYS A 226 6.28 7.15 -4.47
C CYS A 226 4.83 6.94 -4.04
N ASP A 227 4.50 5.69 -3.79
CA ASP A 227 3.17 5.27 -3.39
C ASP A 227 3.22 5.19 -1.85
N GLU A 228 2.94 6.31 -1.19
CA GLU A 228 2.96 6.37 0.27
C GLU A 228 1.58 6.17 0.87
N ILE A 229 0.87 5.16 0.37
CA ILE A 229 -0.49 4.88 0.82
C ILE A 229 -0.62 4.39 2.24
N TYR A 230 0.47 3.90 2.84
CA TYR A 230 0.41 3.42 4.22
C TYR A 230 1.01 4.44 5.20
N ALA A 231 1.16 5.69 4.74
CA ALA A 231 1.76 6.76 5.53
C ALA A 231 1.24 6.90 6.96
N ALA A 232 -0.06 6.70 7.16
CA ALA A 232 -0.67 6.83 8.49
C ALA A 232 -0.90 5.53 9.24
N THR A 233 -0.15 4.48 8.91
CA THR A 233 -0.27 3.18 9.58
C THR A 233 0.96 2.88 10.42
N VAL A 234 1.91 3.81 10.43
CA VAL A 234 3.14 3.66 11.21
C VAL A 234 2.74 3.59 12.69
N PHE A 235 3.20 2.55 13.36
CA PHE A 235 2.88 2.33 14.77
C PHE A 235 4.12 2.18 15.66
N ASP A 236 5.29 2.44 15.11
CA ASP A 236 6.53 2.32 15.90
C ASP A 236 7.70 2.98 15.15
N THR A 237 8.67 3.47 15.90
CA THR A 237 9.82 4.13 15.31
C THR A 237 10.58 3.20 14.37
N PRO A 238 11.35 3.76 13.43
CA PRO A 238 11.58 5.19 13.21
C PRO A 238 10.31 5.85 12.69
N GLN A 239 10.31 7.18 12.60
CA GLN A 239 9.11 7.84 12.11
C GLN A 239 9.15 7.91 10.60
N PHE A 240 7.97 7.85 9.99
CA PHE A 240 7.82 7.89 8.54
C PHE A 240 8.40 9.14 7.88
N VAL A 241 9.36 8.93 6.99
CA VAL A 241 9.99 10.03 6.27
C VAL A 241 9.39 10.07 4.88
N SER A 242 8.55 11.05 4.61
CA SER A 242 7.93 11.19 3.30
C SER A 242 8.93 11.75 2.30
N ILE A 243 8.69 11.51 1.02
CA ILE A 243 9.59 12.02 -0.01
C ILE A 243 9.49 13.54 -0.04
N ALA A 244 8.34 14.07 0.36
CA ALA A 244 8.17 15.52 0.42
C ALA A 244 9.21 16.08 1.38
N GLU A 245 9.45 15.38 2.48
CA GLU A 245 10.45 15.82 3.46
C GLU A 245 11.89 15.71 2.94
N ILE A 246 12.18 14.63 2.23
CA ILE A 246 13.51 14.43 1.67
C ILE A 246 13.90 15.61 0.77
N LEU A 247 12.92 16.19 0.10
CA LEU A 247 13.14 17.30 -0.82
C LEU A 247 13.36 18.66 -0.13
N ASP A 248 12.84 18.81 1.07
CA ASP A 248 13.01 20.07 1.79
C ASP A 248 14.30 20.09 2.57
N GLU A 249 15.15 19.10 2.32
CA GLU A 249 16.43 18.97 3.00
C GLU A 249 17.56 19.71 2.27
N GLN A 250 18.56 20.12 3.05
CA GLN A 250 19.67 20.90 2.51
C GLN A 250 20.44 20.27 1.36
N GLU A 251 20.85 19.02 1.52
CA GLU A 251 21.62 18.37 0.47
C GLU A 251 20.81 17.93 -0.75
N MET A 252 19.49 17.94 -0.64
CA MET A 252 18.65 17.50 -1.75
C MET A 252 18.04 18.65 -2.55
N THR A 253 18.31 19.88 -2.11
CA THR A 253 17.81 21.10 -2.75
C THR A 253 17.94 21.17 -4.27
N TYR A 254 18.98 20.55 -4.82
CA TYR A 254 19.16 20.62 -6.27
C TYR A 254 18.55 19.53 -7.15
N CYS A 255 17.74 18.65 -6.57
CA CYS A 255 17.09 17.58 -7.33
C CYS A 255 15.94 18.15 -8.15
N ASN A 256 15.68 17.58 -9.32
CA ASN A 256 14.60 18.08 -10.17
C ASN A 256 13.24 17.59 -9.72
N LYS A 257 12.39 18.53 -9.31
CA LYS A 257 11.05 18.22 -8.85
C LYS A 257 10.11 17.73 -9.96
N ASP A 258 10.58 17.81 -11.20
CA ASP A 258 9.77 17.37 -12.33
C ASP A 258 9.82 15.86 -12.44
N LEU A 259 10.74 15.27 -11.69
CA LEU A 259 10.93 13.83 -11.71
C LEU A 259 10.30 13.13 -10.52
N VAL A 260 9.85 13.91 -9.54
CA VAL A 260 9.26 13.36 -8.30
C VAL A 260 7.74 13.49 -8.21
N HIS A 261 7.08 12.40 -7.81
CA HIS A 261 5.63 12.39 -7.70
C HIS A 261 5.18 11.49 -6.56
N ILE A 262 4.11 11.86 -5.88
CA ILE A 262 3.57 11.05 -4.80
C ILE A 262 2.20 10.43 -5.19
N VAL A 263 1.94 9.22 -4.74
CA VAL A 263 0.66 8.56 -5.01
C VAL A 263 0.07 8.20 -3.66
N TYR A 264 -1.15 8.67 -3.39
CA TYR A 264 -1.81 8.42 -2.12
C TYR A 264 -3.24 7.90 -2.25
N SER A 265 -3.82 7.48 -1.12
CA SER A 265 -5.19 6.96 -1.07
C SER A 265 -5.66 6.87 0.37
N LEU A 266 -6.97 6.80 0.59
CA LEU A 266 -7.50 6.69 1.96
C LEU A 266 -7.91 5.25 2.24
N SER A 267 -7.67 4.38 1.27
CA SER A 267 -8.07 2.99 1.43
C SER A 267 -7.38 2.18 2.53
N LYS A 268 -6.17 2.55 2.91
CA LYS A 268 -5.48 1.79 3.92
C LYS A 268 -5.31 2.48 5.27
N ASP A 269 -5.01 3.77 5.31
CA ASP A 269 -4.87 4.36 6.62
C ASP A 269 -6.13 4.99 7.20
N MET A 270 -7.27 4.75 6.55
CA MET A 270 -8.55 5.26 7.07
C MET A 270 -9.61 4.16 6.98
N GLY A 271 -9.26 3.09 6.26
CA GLY A 271 -10.17 1.98 6.12
C GLY A 271 -11.35 2.28 5.24
N LEU A 272 -11.15 3.07 4.19
CA LEU A 272 -12.23 3.44 3.29
C LEU A 272 -11.97 3.03 1.85
N PRO A 273 -11.43 1.82 1.62
CA PRO A 273 -11.16 1.40 0.25
C PRO A 273 -12.40 1.51 -0.65
N GLY A 274 -13.58 1.37 -0.05
CA GLY A 274 -14.82 1.44 -0.79
C GLY A 274 -15.24 2.83 -1.25
N PHE A 275 -14.56 3.87 -0.77
CA PHE A 275 -14.91 5.21 -1.18
C PHE A 275 -14.06 5.65 -2.39
N ARG A 276 -13.15 4.77 -2.81
CA ARG A 276 -12.31 5.04 -3.97
C ARG A 276 -11.66 6.42 -3.95
N VAL A 277 -10.98 6.76 -2.85
CA VAL A 277 -10.32 8.06 -2.75
C VAL A 277 -8.83 7.98 -3.06
N GLY A 278 -8.48 8.15 -4.32
CA GLY A 278 -7.08 8.10 -4.73
C GLY A 278 -6.60 9.49 -5.08
N ILE A 279 -5.35 9.79 -4.74
CA ILE A 279 -4.77 11.09 -4.99
C ILE A 279 -3.41 11.01 -5.65
N ILE A 280 -3.13 12.02 -6.47
CA ILE A 280 -1.86 12.15 -7.15
C ILE A 280 -1.34 13.55 -6.83
N TYR A 281 -0.20 13.61 -6.15
CA TYR A 281 0.40 14.89 -5.81
C TYR A 281 1.76 14.98 -6.52
N SER A 282 1.79 15.60 -7.69
CA SER A 282 3.04 15.71 -8.45
C SER A 282 3.80 17.03 -8.31
N PHE A 283 5.12 16.96 -8.11
CA PHE A 283 5.91 18.19 -7.99
C PHE A 283 6.18 18.80 -9.36
N ASN A 284 5.59 18.19 -10.38
CA ASN A 284 5.72 18.58 -11.78
C ASN A 284 4.38 19.20 -12.24
N ASP A 285 4.41 20.45 -12.64
CA ASP A 285 3.19 21.15 -13.07
C ASP A 285 2.55 20.56 -14.30
N ASP A 286 3.36 20.05 -15.23
CA ASP A 286 2.81 19.47 -16.45
C ASP A 286 2.10 18.18 -16.13
N VAL A 287 2.70 17.36 -15.26
CA VAL A 287 2.13 16.09 -14.84
C VAL A 287 0.83 16.39 -14.09
N VAL A 288 0.84 17.40 -13.22
CA VAL A 288 -0.35 17.77 -12.49
C VAL A 288 -1.46 18.04 -13.50
N ASN A 289 -1.14 18.75 -14.58
CA ASN A 289 -2.13 19.04 -15.62
C ASN A 289 -2.68 17.78 -16.26
N CYS A 290 -1.78 17.07 -16.94
CA CYS A 290 -2.14 15.84 -17.63
C CYS A 290 -2.87 14.88 -16.69
N ALA A 291 -2.43 14.83 -15.43
CA ALA A 291 -3.04 13.94 -14.46
C ALA A 291 -4.48 14.34 -14.17
N ARG A 292 -4.74 15.65 -14.08
CA ARG A 292 -6.09 16.11 -13.78
C ARG A 292 -7.02 15.82 -14.96
N LYS A 293 -6.60 16.18 -16.18
CA LYS A 293 -7.40 15.93 -17.38
C LYS A 293 -7.77 14.44 -17.45
N MET A 294 -6.92 13.59 -16.90
CA MET A 294 -7.16 12.14 -16.90
C MET A 294 -8.02 11.71 -15.72
N SER A 295 -8.18 12.60 -14.74
CA SER A 295 -8.98 12.26 -13.58
C SER A 295 -10.47 12.18 -13.92
N SER A 296 -10.86 12.74 -15.05
CA SER A 296 -12.28 12.69 -15.45
C SER A 296 -12.70 11.27 -15.88
N PHE A 297 -11.82 10.31 -15.62
CA PHE A 297 -12.06 8.90 -15.92
C PHE A 297 -12.24 8.17 -14.57
N GLY A 298 -11.84 8.83 -13.50
CA GLY A 298 -11.95 8.26 -12.16
C GLY A 298 -12.07 9.28 -11.03
N LEU A 299 -13.02 10.21 -11.17
CA LEU A 299 -13.25 11.25 -10.17
C LEU A 299 -13.97 10.68 -8.95
N VAL A 300 -13.56 11.16 -7.78
CA VAL A 300 -14.15 10.75 -6.51
C VAL A 300 -15.56 11.32 -6.54
N SER A 301 -16.52 10.59 -6.00
CA SER A 301 -17.89 11.10 -6.00
C SER A 301 -18.00 12.37 -5.16
N THR A 302 -18.68 13.38 -5.70
CA THR A 302 -18.90 14.64 -5.02
C THR A 302 -19.56 14.36 -3.67
N GLN A 303 -20.43 13.36 -3.67
CA GLN A 303 -21.13 12.96 -2.46
C GLN A 303 -20.10 12.52 -1.42
N THR A 304 -19.02 11.88 -1.87
CA THR A 304 -17.97 11.42 -0.98
C THR A 304 -16.97 12.54 -0.68
N GLN A 305 -16.77 13.42 -1.65
CA GLN A 305 -15.86 14.55 -1.48
C GLN A 305 -16.41 15.44 -0.36
N TYR A 306 -17.73 15.55 -0.34
CA TYR A 306 -18.41 16.37 0.64
C TYR A 306 -18.17 15.84 2.04
N PHE A 307 -18.47 14.55 2.23
CA PHE A 307 -18.33 13.90 3.51
C PHE A 307 -16.91 13.96 4.08
N LEU A 308 -15.91 13.85 3.20
CA LEU A 308 -14.53 13.86 3.65
C LEU A 308 -14.04 15.26 3.94
N ALA A 309 -14.53 16.23 3.19
CA ALA A 309 -14.15 17.62 3.42
C ALA A 309 -14.62 17.99 4.82
N ALA A 310 -15.75 17.41 5.23
CA ALA A 310 -16.34 17.67 6.53
C ALA A 310 -15.56 17.03 7.67
N MET A 311 -15.39 15.72 7.59
CA MET A 311 -14.67 14.98 8.62
C MET A 311 -13.17 15.30 8.72
N LEU A 312 -12.52 15.48 7.58
CA LEU A 312 -11.09 15.81 7.57
C LEU A 312 -10.80 17.28 7.89
N SER A 313 -11.86 18.06 8.08
CA SER A 313 -11.70 19.46 8.42
C SER A 313 -11.78 19.60 9.95
N ASP A 314 -12.21 18.53 10.62
CA ASP A 314 -12.33 18.53 12.07
C ASP A 314 -11.03 18.11 12.69
N GLU A 315 -10.16 19.09 12.87
CA GLU A 315 -8.85 18.85 13.43
C GLU A 315 -8.87 17.95 14.65
N LYS A 316 -9.74 18.26 15.60
CA LYS A 316 -9.82 17.45 16.81
C LYS A 316 -9.94 15.98 16.49
N PHE A 317 -10.85 15.65 15.57
CA PHE A 317 -11.09 14.27 15.12
C PHE A 317 -9.84 13.69 14.46
N VAL A 318 -9.31 14.42 13.48
CA VAL A 318 -8.13 13.99 12.75
C VAL A 318 -6.94 13.77 13.66
N ASP A 319 -6.72 14.64 14.64
CA ASP A 319 -5.60 14.46 15.55
C ASP A 319 -5.81 13.22 16.42
N ASN A 320 -7.03 13.03 16.88
CA ASN A 320 -7.34 11.89 17.73
C ASN A 320 -7.16 10.58 16.96
N PHE A 321 -7.69 10.55 15.75
CA PHE A 321 -7.62 9.38 14.88
C PHE A 321 -6.20 8.92 14.64
N LEU A 322 -5.42 9.76 13.98
CA LEU A 322 -4.03 9.44 13.68
C LEU A 322 -3.29 8.91 14.91
N ARG A 323 -3.61 9.46 16.07
CA ARG A 323 -2.96 9.05 17.31
C ARG A 323 -3.58 7.75 17.80
N GLU A 324 -4.90 7.78 18.00
CA GLU A 324 -5.61 6.61 18.47
C GLU A 324 -5.34 5.40 17.59
N SER A 325 -5.49 5.59 16.27
CA SER A 325 -5.29 4.52 15.32
C SER A 325 -3.92 3.86 15.44
N ALA A 326 -2.88 4.68 15.51
CA ALA A 326 -1.52 4.18 15.63
C ALA A 326 -1.34 3.34 16.89
N MET A 327 -1.99 3.77 17.98
CA MET A 327 -1.90 3.05 19.26
C MET A 327 -2.43 1.61 19.16
N ARG A 328 -3.55 1.44 18.45
CA ARG A 328 -4.15 0.13 18.28
C ARG A 328 -3.33 -0.74 17.34
N LEU A 329 -2.95 -0.20 16.19
CA LEU A 329 -2.15 -0.97 15.25
C LEU A 329 -0.92 -1.54 15.93
N GLY A 330 -0.26 -0.73 16.76
CA GLY A 330 0.93 -1.18 17.45
C GLY A 330 0.60 -2.27 18.47
N LYS A 331 -0.47 -2.03 19.22
CA LYS A 331 -0.93 -2.98 20.21
C LYS A 331 -1.11 -4.32 19.49
N ARG A 332 -1.99 -4.32 18.48
CA ARG A 332 -2.27 -5.52 17.71
C ARG A 332 -1.03 -6.22 17.16
N HIS A 333 -0.18 -5.46 16.48
CA HIS A 333 1.02 -6.00 15.89
C HIS A 333 1.88 -6.74 16.90
N LYS A 334 2.29 -6.06 17.95
CA LYS A 334 3.12 -6.69 18.96
C LYS A 334 2.47 -7.94 19.53
N HIS A 335 1.19 -7.84 19.87
CA HIS A 335 0.49 -8.98 20.42
C HIS A 335 0.57 -10.19 19.51
N PHE A 336 0.58 -9.93 18.21
CA PHE A 336 0.64 -11.01 17.24
C PHE A 336 2.07 -11.56 17.15
N THR A 337 3.03 -10.66 17.03
CA THR A 337 4.44 -11.03 16.94
C THR A 337 4.87 -11.87 18.14
N ASN A 338 4.53 -11.41 19.34
CA ASN A 338 4.88 -12.14 20.55
C ASN A 338 4.36 -13.56 20.52
N GLY A 339 3.08 -13.71 20.18
CA GLY A 339 2.50 -15.04 20.12
C GLY A 339 3.31 -15.95 19.20
N LEU A 340 3.72 -15.40 18.08
CA LEU A 340 4.50 -16.15 17.11
C LEU A 340 5.87 -16.55 17.65
N GLU A 341 6.49 -15.69 18.46
CA GLU A 341 7.79 -16.02 19.01
C GLU A 341 7.70 -17.02 20.14
N VAL A 342 6.48 -17.33 20.59
CA VAL A 342 6.31 -18.32 21.63
C VAL A 342 6.68 -19.66 20.99
N VAL A 343 6.00 -19.97 19.88
CA VAL A 343 6.27 -21.21 19.17
C VAL A 343 7.52 -21.05 18.32
N GLY A 344 8.25 -19.97 18.56
CA GLY A 344 9.50 -19.73 17.84
C GLY A 344 9.44 -19.24 16.40
N ILE A 345 8.37 -18.54 16.04
CA ILE A 345 8.26 -18.01 14.70
C ILE A 345 8.73 -16.57 14.70
N LYS A 346 9.74 -16.27 13.89
CA LYS A 346 10.31 -14.92 13.78
C LYS A 346 9.70 -14.16 12.61
N CYS A 347 9.54 -12.85 12.79
CA CYS A 347 9.02 -12.03 11.70
C CYS A 347 10.04 -10.97 11.39
N LEU A 348 9.85 -10.28 10.27
CA LEU A 348 10.74 -9.21 9.87
C LEU A 348 10.32 -8.02 10.71
N LYS A 349 11.26 -7.47 11.47
CA LYS A 349 10.94 -6.32 12.32
C LYS A 349 10.30 -5.26 11.43
N ASN A 350 9.19 -4.69 11.87
CA ASN A 350 8.50 -3.67 11.09
C ASN A 350 7.73 -2.69 11.96
N ASN A 351 7.46 -1.51 11.42
CA ASN A 351 6.76 -0.47 12.16
C ASN A 351 5.60 0.18 11.43
N ALA A 352 5.04 -0.51 10.44
CA ALA A 352 3.92 0.04 9.66
C ALA A 352 3.20 -1.03 8.85
N GLY A 353 2.10 -0.62 8.22
CA GLY A 353 1.32 -1.55 7.42
C GLY A 353 0.17 -2.16 8.21
N LEU A 354 -0.49 -3.15 7.63
CA LEU A 354 -1.62 -3.81 8.26
C LEU A 354 -1.36 -5.31 8.23
N PHE A 355 -0.08 -5.66 8.35
CA PHE A 355 0.36 -7.05 8.27
C PHE A 355 1.78 -7.15 8.81
N CYS A 356 2.39 -8.31 8.63
CA CYS A 356 3.78 -8.55 9.03
C CYS A 356 4.36 -9.56 8.06
N TRP A 357 5.66 -9.47 7.81
CA TRP A 357 6.39 -10.33 6.87
C TRP A 357 6.98 -11.51 7.63
N MET A 358 6.16 -12.54 7.86
CA MET A 358 6.60 -13.73 8.60
C MET A 358 7.54 -14.67 7.85
N ASP A 359 8.48 -15.24 8.60
CA ASP A 359 9.49 -16.16 8.05
C ASP A 359 9.24 -17.63 8.46
N LEU A 360 8.89 -18.44 7.47
CA LEU A 360 8.64 -19.85 7.69
C LEU A 360 9.68 -20.68 6.96
N ARG A 361 10.83 -20.08 6.65
CA ARG A 361 11.87 -20.81 5.95
C ARG A 361 12.22 -22.14 6.62
N PRO A 362 12.24 -22.18 7.96
CA PRO A 362 12.56 -23.43 8.65
C PRO A 362 11.49 -24.52 8.50
N LEU A 363 10.28 -24.12 8.12
CA LEU A 363 9.22 -25.11 7.93
C LEU A 363 9.22 -25.67 6.51
N LEU A 364 9.94 -25.01 5.60
CA LEU A 364 10.04 -25.47 4.22
C LEU A 364 10.84 -26.78 4.21
N ARG A 365 10.40 -27.74 3.41
CA ARG A 365 11.11 -29.02 3.31
C ARG A 365 12.40 -28.79 2.53
N GLU A 366 12.38 -27.74 1.71
CA GLU A 366 13.53 -27.37 0.90
C GLU A 366 13.47 -25.87 0.63
N SER A 367 14.51 -25.35 -0.02
CA SER A 367 14.52 -23.92 -0.32
C SER A 367 14.12 -23.69 -1.76
N THR A 368 12.93 -24.18 -2.08
CA THR A 368 12.37 -24.07 -3.43
C THR A 368 10.95 -23.54 -3.33
N PHE A 369 10.48 -22.88 -4.38
CA PHE A 369 9.13 -22.34 -4.38
C PHE A 369 8.08 -23.44 -4.34
N ASP A 370 8.46 -24.62 -4.82
CA ASP A 370 7.56 -25.77 -4.82
C ASP A 370 7.22 -26.06 -3.37
N SER A 371 8.23 -26.04 -2.52
CA SER A 371 8.03 -26.28 -1.09
C SER A 371 7.17 -25.16 -0.50
N GLU A 372 7.47 -23.92 -0.88
CA GLU A 372 6.70 -22.77 -0.39
C GLU A 372 5.23 -22.92 -0.72
N MET A 373 4.95 -23.39 -1.94
CA MET A 373 3.59 -23.60 -2.36
C MET A 373 3.00 -24.79 -1.64
N SER A 374 3.84 -25.79 -1.37
CA SER A 374 3.37 -26.98 -0.65
C SER A 374 2.90 -26.55 0.74
N LEU A 375 3.80 -25.92 1.47
CA LEU A 375 3.50 -25.44 2.83
C LEU A 375 2.27 -24.55 2.85
N TRP A 376 2.20 -23.63 1.89
CA TRP A 376 1.10 -22.69 1.80
C TRP A 376 -0.24 -23.45 1.73
N ARG A 377 -0.25 -24.59 1.04
CA ARG A 377 -1.47 -25.38 0.93
C ARG A 377 -1.93 -25.90 2.29
N VAL A 378 -0.97 -26.26 3.13
CA VAL A 378 -1.28 -26.75 4.45
C VAL A 378 -1.92 -25.64 5.26
N ILE A 379 -1.43 -24.42 5.07
CA ILE A 379 -1.95 -23.28 5.81
C ILE A 379 -3.35 -22.88 5.37
N ILE A 380 -3.60 -22.86 4.07
CA ILE A 380 -4.94 -22.47 3.62
C ILE A 380 -5.97 -23.58 3.80
N ASN A 381 -5.52 -24.84 3.75
CA ASN A 381 -6.46 -25.96 3.90
C ASN A 381 -6.50 -26.63 5.26
N ASP A 382 -5.33 -26.96 5.81
CA ASP A 382 -5.28 -27.65 7.09
C ASP A 382 -5.20 -26.77 8.33
N VAL A 383 -4.57 -25.60 8.22
CA VAL A 383 -4.46 -24.70 9.35
C VAL A 383 -5.57 -23.67 9.19
N LYS A 384 -6.21 -23.72 8.02
CA LYS A 384 -7.34 -22.86 7.67
C LYS A 384 -7.23 -21.36 7.93
N LEU A 385 -6.16 -20.75 7.40
CA LEU A 385 -5.94 -19.32 7.52
C LEU A 385 -5.56 -18.91 6.12
N ASN A 386 -6.20 -17.88 5.58
CA ASN A 386 -5.84 -17.44 4.24
C ASN A 386 -4.72 -16.42 4.34
N VAL A 387 -3.54 -16.78 3.85
CA VAL A 387 -2.36 -15.92 3.88
C VAL A 387 -1.73 -15.83 2.48
N SER A 388 -0.84 -14.87 2.27
CA SER A 388 -0.19 -14.69 0.97
C SER A 388 1.26 -15.16 0.94
N PRO A 389 1.63 -15.91 -0.09
CA PRO A 389 3.02 -16.40 -0.17
C PRO A 389 3.98 -15.44 -0.90
N GLY A 390 5.21 -15.39 -0.40
CA GLY A 390 6.23 -14.53 -0.97
C GLY A 390 6.26 -14.49 -2.49
N SER A 391 6.00 -15.61 -3.14
CA SER A 391 6.01 -15.65 -4.61
C SER A 391 4.94 -14.72 -5.23
N SER A 392 3.83 -14.53 -4.51
CA SER A 392 2.75 -13.67 -4.96
C SER A 392 3.22 -12.24 -5.12
N PHE A 393 4.24 -11.89 -4.33
CA PHE A 393 4.80 -10.55 -4.36
C PHE A 393 6.11 -10.51 -5.10
N GLU A 394 6.37 -11.57 -5.87
CA GLU A 394 7.59 -11.66 -6.64
C GLU A 394 8.81 -11.73 -5.73
N CYS A 395 8.60 -12.13 -4.47
CA CYS A 395 9.72 -12.27 -3.56
C CYS A 395 10.60 -13.26 -4.29
N GLN A 396 11.89 -12.99 -4.35
CA GLN A 396 12.77 -13.88 -5.07
C GLN A 396 13.36 -15.01 -4.18
N GLU A 397 13.02 -15.03 -2.90
CA GLU A 397 13.48 -16.10 -2.02
C GLU A 397 12.28 -16.71 -1.29
N PRO A 398 12.12 -18.05 -1.39
CA PRO A 398 11.02 -18.81 -0.78
C PRO A 398 10.96 -18.78 0.73
N GLY A 399 9.82 -19.16 1.28
CA GLY A 399 9.67 -19.20 2.73
C GLY A 399 9.03 -18.04 3.47
N TRP A 400 8.73 -16.95 2.78
CA TRP A 400 8.10 -15.81 3.45
C TRP A 400 6.60 -15.72 3.16
N PHE A 401 5.84 -15.30 4.16
CA PHE A 401 4.39 -15.14 4.02
C PHE A 401 3.92 -13.82 4.63
N ARG A 402 3.02 -13.13 3.96
CA ARG A 402 2.49 -11.89 4.51
C ARG A 402 1.24 -12.31 5.27
N VAL A 403 1.09 -11.84 6.51
CA VAL A 403 -0.08 -12.18 7.32
C VAL A 403 -0.73 -10.90 7.87
N CYS A 404 -1.94 -10.61 7.38
CA CYS A 404 -2.68 -9.41 7.77
C CYS A 404 -3.44 -9.54 9.09
N PHE A 405 -3.22 -8.57 9.99
CA PHE A 405 -3.83 -8.56 11.32
C PHE A 405 -4.67 -7.34 11.70
N ALA A 406 -5.18 -6.58 10.73
CA ALA A 406 -5.96 -5.39 11.04
C ALA A 406 -7.44 -5.44 10.65
N ASN A 407 -7.90 -6.61 10.21
CA ASN A 407 -9.27 -6.75 9.78
C ASN A 407 -10.18 -7.55 10.71
N MET A 408 -9.65 -8.01 11.85
CA MET A 408 -10.47 -8.78 12.79
C MET A 408 -10.27 -8.34 14.23
N ASP A 409 -11.08 -8.89 15.13
CA ASP A 409 -10.99 -8.57 16.56
C ASP A 409 -10.01 -9.46 17.35
N ASP A 410 -9.77 -9.09 18.62
CA ASP A 410 -8.85 -9.82 19.49
C ASP A 410 -9.05 -11.33 19.59
N GLY A 411 -10.30 -11.73 19.79
CA GLY A 411 -10.62 -13.14 19.92
C GLY A 411 -10.19 -13.94 18.70
N THR A 412 -10.49 -13.41 17.52
CA THR A 412 -10.11 -14.09 16.28
C THR A 412 -8.59 -14.14 16.16
N VAL A 413 -7.90 -13.06 16.50
CA VAL A 413 -6.43 -13.06 16.43
C VAL A 413 -5.83 -14.15 17.30
N ASP A 414 -6.51 -14.45 18.42
CA ASP A 414 -6.02 -15.49 19.33
C ASP A 414 -6.31 -16.90 18.82
N ILE A 415 -7.41 -17.08 18.09
CA ILE A 415 -7.71 -18.41 17.57
C ILE A 415 -6.64 -18.77 16.53
N ALA A 416 -6.37 -17.83 15.64
CA ALA A 416 -5.35 -18.03 14.61
C ALA A 416 -4.03 -18.41 15.26
N LEU A 417 -3.64 -17.66 16.30
CA LEU A 417 -2.39 -17.95 17.01
C LEU A 417 -2.35 -19.37 17.55
N ALA A 418 -3.47 -19.84 18.11
CA ALA A 418 -3.55 -21.19 18.65
C ALA A 418 -3.39 -22.18 17.51
N ARG A 419 -4.07 -21.90 16.40
CA ARG A 419 -4.02 -22.75 15.22
C ARG A 419 -2.58 -22.91 14.75
N ILE A 420 -1.84 -21.79 14.74
CA ILE A 420 -0.45 -21.80 14.32
C ILE A 420 0.39 -22.48 15.39
N ARG A 421 0.04 -22.27 16.64
CA ARG A 421 0.76 -22.88 17.74
C ARG A 421 0.60 -24.40 17.61
N ARG A 422 -0.63 -24.83 17.36
CA ARG A 422 -0.98 -26.24 17.20
C ARG A 422 -0.15 -26.85 16.07
N PHE A 423 -0.37 -26.36 14.85
CA PHE A 423 0.35 -26.82 13.66
C PHE A 423 1.87 -26.93 13.84
N VAL A 424 2.46 -25.93 14.49
CA VAL A 424 3.90 -25.94 14.71
C VAL A 424 4.29 -27.06 15.67
N GLY A 425 3.65 -27.09 16.83
CA GLY A 425 3.95 -28.12 17.80
C GLY A 425 3.93 -29.48 17.12
N VAL A 426 2.79 -29.80 16.54
CA VAL A 426 2.59 -31.07 15.85
C VAL A 426 3.38 -31.12 14.54
N GLU A 427 4.66 -30.76 14.62
CA GLU A 427 5.53 -30.75 13.45
C GLU A 427 7.00 -30.79 13.85
N LYS A 428 7.27 -31.24 15.07
CA LYS A 428 8.64 -31.34 15.55
C LYS A 428 8.71 -31.90 16.96
#